data_8YLE
#
_entry.id   8YLE
#
_cell.length_a   49.663
_cell.length_b   89.561
_cell.length_c   54.359
_cell.angle_alpha   90.000
_cell.angle_beta   102.880
_cell.angle_gamma   90.000
#
_symmetry.space_group_name_H-M   'P 1 21 1'
#
loop_
_entity.id
_entity.type
_entity.pdbx_description
1 polymer "Bifunctional 3'-5' exonuclease/ATP-dependent helicase WRN"
2 non-polymer 'PHOSPHOMETHYLPHOSPHONIC ACID ADENYLATE ESTER'
3 non-polymer 1,2-ETHANEDIOL
4 non-polymer 'ZINC ION'
5 water water
#
_entity_poly.entity_id   1
_entity_poly.type   'polypeptide(L)'
_entity_poly.pdbx_seq_one_letter_code
;NEGEEDDDKDFLWPAPNEEQVTCLKMYFGHSSFKPVQWKVIHSVLEERRDNVAVMATGYGKSLCFQYPPVYVGKIGLVIS
PLISLMEDQVLQLKMSNIPACFLGSAQSENVLTDIKLGKYRIVYVTPEYCSGNMGLLQQLEADIGITLIAVDEAHCISEW
GHDFRDSFRKLGSLKTALPMVPIVALTATASSSIREDIVRCLNLRNPQITCTGFDRPNLYLEVRRKTGNILQDLQPFLVK
TSSHWEFEGPTIIYCPSRKMTQQVTGELRKLNLSCGTYHAGMSFSTRKDIHHRFVRDEIQCVIATIAFGMGINKADIRQV
IHYGAPKDMESYYQEIGRAGRDGLQSSCHVLWAPADINLNRHLLTEIRNEKFRLYKLKMMAKMEKYLHSSRCRRQIILSH
FEDKQVQKASLGIMGTEKCCDNCRSRLDHA
;
_entity_poly.pdbx_strand_id   A
#
# COMPACT_ATOMS: atom_id res chain seq x y z
N ASP A 10 9.87 -0.51 24.68
CA ASP A 10 10.65 -1.32 23.75
C ASP A 10 11.72 -2.10 24.50
N PHE A 11 12.07 -1.59 25.68
CA PHE A 11 13.08 -2.25 26.50
C PHE A 11 12.60 -3.64 26.93
N LEU A 12 11.30 -3.79 27.18
CA LEU A 12 10.75 -5.06 27.66
C LEU A 12 10.78 -6.15 26.60
N TRP A 13 10.65 -5.78 25.32
CA TRP A 13 10.58 -6.77 24.25
C TRP A 13 11.88 -7.57 24.17
N PRO A 14 11.80 -8.89 24.02
CA PRO A 14 13.02 -9.66 23.79
C PRO A 14 13.51 -9.43 22.37
N ALA A 15 14.83 -9.46 22.21
CA ALA A 15 15.42 -9.38 20.89
C ALA A 15 15.13 -10.66 20.10
N PRO A 16 15.19 -10.60 18.76
CA PRO A 16 15.12 -11.84 17.98
C PRO A 16 16.30 -12.73 18.30
N ASN A 17 16.08 -14.04 18.24
CA ASN A 17 17.18 -14.95 18.52
C ASN A 17 17.95 -15.23 17.24
N GLU A 18 19.03 -16.01 17.34
CA GLU A 18 19.90 -16.25 16.19
C GLU A 18 19.17 -16.99 15.08
N GLU A 19 18.32 -17.97 15.42
CA GLU A 19 17.63 -18.70 14.35
C GLU A 19 16.70 -17.77 13.58
N GLN A 20 16.06 -16.84 14.29
CA GLN A 20 15.11 -15.93 13.64
C GLN A 20 15.80 -14.97 12.69
N VAL A 21 16.94 -14.42 13.09
CA VAL A 21 17.68 -13.52 12.21
C VAL A 21 18.24 -14.29 11.02
N THR A 22 18.76 -15.49 11.26
CA THR A 22 19.24 -16.31 10.16
C THR A 22 18.16 -16.56 9.13
N CYS A 23 16.95 -16.91 9.59
CA CYS A 23 15.83 -17.10 8.68
C CYS A 23 15.49 -15.83 7.94
N LEU A 24 15.46 -14.68 8.65
CA LEU A 24 15.18 -13.40 7.99
C LEU A 24 16.15 -13.14 6.84
N LYS A 25 17.43 -13.40 7.07
CA LYS A 25 18.45 -13.10 6.06
C LYS A 25 18.35 -14.04 4.87
N MET A 26 18.10 -15.33 5.11
CA MET A 26 18.19 -16.31 4.05
C MET A 26 16.96 -16.32 3.16
N TYR A 27 15.78 -16.00 3.70
CA TYR A 27 14.58 -16.05 2.88
C TYR A 27 14.03 -14.69 2.49
N PHE A 28 14.36 -13.62 3.22
CA PHE A 28 13.86 -12.32 2.86
C PHE A 28 14.95 -11.31 2.56
N GLY A 29 16.22 -11.64 2.83
CA GLY A 29 17.31 -10.76 2.45
C GLY A 29 17.49 -9.51 3.27
N HIS A 30 16.99 -9.47 4.51
CA HIS A 30 17.21 -8.34 5.40
C HIS A 30 18.08 -8.78 6.56
N SER A 31 18.92 -7.86 7.05
CA SER A 31 19.81 -8.17 8.17
C SER A 31 19.16 -7.97 9.52
N SER A 32 18.10 -7.17 9.59
CA SER A 32 17.45 -6.85 10.86
C SER A 32 15.97 -6.57 10.61
N PHE A 33 15.17 -6.83 11.63
CA PHE A 33 13.76 -6.48 11.62
C PHE A 33 13.61 -5.00 11.91
N LYS A 34 12.65 -4.35 11.26
CA LYS A 34 12.27 -3.03 11.71
C LYS A 34 11.53 -3.13 13.04
N PRO A 35 11.61 -2.10 13.88
CA PRO A 35 11.06 -2.20 15.25
C PRO A 35 9.62 -2.66 15.32
N VAL A 36 8.72 -2.08 14.52
CA VAL A 36 7.32 -2.46 14.65
C VAL A 36 7.05 -3.81 13.98
N GLN A 37 7.78 -4.13 12.90
CA GLN A 37 7.74 -5.48 12.35
C GLN A 37 8.03 -6.51 13.44
N TRP A 38 9.06 -6.26 14.23
CA TRP A 38 9.43 -7.23 15.26
C TRP A 38 8.36 -7.32 16.33
N LYS A 39 7.82 -6.16 16.76
CA LYS A 39 6.74 -6.19 17.74
C LYS A 39 5.59 -7.06 17.26
N VAL A 40 5.17 -6.89 15.99
CA VAL A 40 4.06 -7.69 15.47
C VAL A 40 4.45 -9.15 15.34
N ILE A 41 5.62 -9.41 14.75
CA ILE A 41 6.04 -10.79 14.51
C ILE A 41 6.22 -11.52 15.84
N HIS A 42 6.88 -10.90 16.80
CA HIS A 42 7.06 -11.58 18.08
C HIS A 42 5.72 -11.86 18.74
N SER A 43 4.80 -10.89 18.68
CA SER A 43 3.49 -11.04 19.31
C SER A 43 2.70 -12.17 18.67
N VAL A 44 2.69 -12.24 17.33
CA VAL A 44 1.94 -13.29 16.64
C VAL A 44 2.65 -14.64 16.78
N LEU A 45 3.95 -14.66 16.53
CA LEU A 45 4.67 -15.93 16.43
C LEU A 45 4.89 -16.56 17.80
N GLU A 46 5.42 -15.80 18.75
CA GLU A 46 5.81 -16.33 20.05
C GLU A 46 4.74 -16.14 21.11
N GLU A 47 3.95 -15.06 21.05
CA GLU A 47 2.94 -14.84 22.07
C GLU A 47 1.55 -15.26 21.62
N ARG A 48 1.38 -15.64 20.35
CA ARG A 48 0.12 -16.17 19.80
C ARG A 48 -1.04 -15.21 20.00
N ARG A 49 -0.80 -13.92 19.78
CA ARG A 49 -1.77 -12.89 20.08
C ARG A 49 -2.30 -12.23 18.80
N ASP A 50 -3.60 -11.96 18.77
CA ASP A 50 -4.19 -11.12 17.73
C ASP A 50 -3.50 -9.75 17.69
N ASN A 51 -3.42 -9.18 16.49
CA ASN A 51 -2.75 -7.91 16.26
C ASN A 51 -3.58 -7.05 15.33
N VAL A 52 -3.59 -5.74 15.62
CA VAL A 52 -4.02 -4.71 14.68
C VAL A 52 -2.81 -3.80 14.48
N ALA A 53 -2.30 -3.74 13.25
CA ALA A 53 -1.03 -3.09 12.97
C ALA A 53 -1.25 -2.02 11.91
N VAL A 54 -0.71 -0.83 12.15
CA VAL A 54 -0.81 0.30 11.24
C VAL A 54 0.62 0.71 10.88
N MET A 55 0.96 0.61 9.59
CA MET A 55 2.32 0.90 9.16
C MET A 55 2.34 1.92 8.04
N ALA A 56 3.38 2.75 8.04
CA ALA A 56 3.58 3.74 6.99
C ALA A 56 3.83 3.05 5.66
N THR A 57 3.63 3.81 4.57
CA THR A 57 3.98 3.29 3.26
C THR A 57 5.46 2.93 3.23
N GLY A 58 5.78 1.86 2.52
CA GLY A 58 7.13 1.36 2.40
C GLY A 58 7.77 0.84 3.68
N TYR A 59 7.01 0.66 4.76
CA TYR A 59 7.63 0.20 6.01
C TYR A 59 7.99 -1.28 5.93
N GLY A 60 7.08 -2.11 5.41
CA GLY A 60 7.32 -3.54 5.31
C GLY A 60 6.22 -4.35 5.97
N LYS A 61 4.97 -4.12 5.58
CA LYS A 61 3.88 -4.80 6.29
C LYS A 61 3.79 -6.28 5.91
N SER A 62 4.12 -6.62 4.65
N SER A 62 4.12 -6.62 4.65
CA SER A 62 3.96 -7.99 4.19
CA SER A 62 3.96 -7.99 4.20
C SER A 62 4.84 -8.96 4.97
C SER A 62 4.84 -8.96 4.97
N LEU A 63 6.04 -8.53 5.38
CA LEU A 63 6.91 -9.39 6.17
C LEU A 63 6.22 -9.89 7.44
N CYS A 64 5.31 -9.08 7.99
CA CYS A 64 4.66 -9.44 9.24
C CYS A 64 3.86 -10.72 9.12
N PHE A 65 3.26 -10.97 7.96
CA PHE A 65 2.51 -12.21 7.81
C PHE A 65 3.25 -13.26 6.96
N GLN A 66 4.22 -12.85 6.14
CA GLN A 66 4.98 -13.83 5.39
C GLN A 66 6.05 -14.51 6.24
N TYR A 67 6.64 -13.79 7.18
CA TYR A 67 7.76 -14.37 7.93
C TYR A 67 7.35 -15.49 8.88
N PRO A 68 6.32 -15.35 9.71
CA PRO A 68 6.10 -16.36 10.76
C PRO A 68 5.88 -17.76 10.19
N PRO A 69 5.06 -17.96 9.15
CA PRO A 69 4.89 -19.35 8.65
C PRO A 69 6.12 -19.89 7.95
N VAL A 70 6.96 -19.03 7.37
CA VAL A 70 8.23 -19.52 6.80
C VAL A 70 9.17 -19.97 7.91
N TYR A 71 9.19 -19.24 9.02
CA TYR A 71 10.12 -19.59 10.10
C TYR A 71 9.77 -20.94 10.72
N VAL A 72 8.48 -21.22 10.92
CA VAL A 72 8.07 -22.46 11.57
C VAL A 72 7.68 -23.53 10.57
N GLY A 73 7.69 -23.23 9.28
CA GLY A 73 7.39 -24.24 8.28
C GLY A 73 5.95 -24.70 8.29
N LYS A 74 5.01 -23.79 8.55
CA LYS A 74 3.59 -24.13 8.53
C LYS A 74 2.86 -23.23 7.54
N ILE A 75 1.59 -22.92 7.80
CA ILE A 75 0.74 -22.22 6.85
C ILE A 75 0.38 -20.85 7.40
N GLY A 76 0.55 -19.81 6.59
CA GLY A 76 -0.05 -18.50 6.83
C GLY A 76 -1.16 -18.26 5.82
N LEU A 77 -2.35 -17.95 6.33
CA LEU A 77 -3.48 -17.66 5.47
C LEU A 77 -3.62 -16.15 5.31
N VAL A 78 -3.58 -15.67 4.08
CA VAL A 78 -3.69 -14.24 3.79
C VAL A 78 -4.99 -14.02 3.04
N ILE A 79 -5.86 -13.16 3.60
CA ILE A 79 -7.18 -12.89 3.04
C ILE A 79 -7.19 -11.48 2.47
N SER A 80 -7.53 -11.37 1.18
CA SER A 80 -7.52 -10.07 0.52
C SER A 80 -8.49 -10.10 -0.65
N PRO A 81 -9.13 -8.97 -0.96
CA PRO A 81 -9.94 -8.90 -2.18
C PRO A 81 -9.13 -8.61 -3.44
N LEU A 82 -7.84 -8.27 -3.32
CA LEU A 82 -7.07 -7.81 -4.48
C LEU A 82 -6.37 -9.00 -5.11
N ILE A 83 -7.08 -9.71 -6.00
CA ILE A 83 -6.53 -10.94 -6.55
C ILE A 83 -5.23 -10.69 -7.29
N SER A 84 -5.17 -9.61 -8.08
CA SER A 84 -3.96 -9.39 -8.88
C SER A 84 -2.77 -9.11 -7.99
N LEU A 85 -2.99 -8.44 -6.85
CA LEU A 85 -1.89 -8.18 -5.93
C LEU A 85 -1.43 -9.45 -5.25
N MET A 86 -2.36 -10.35 -4.92
CA MET A 86 -1.97 -11.66 -4.40
C MET A 86 -1.15 -12.44 -5.42
N GLU A 87 -1.55 -12.39 -6.69
CA GLU A 87 -0.77 -13.04 -7.74
C GLU A 87 0.64 -12.48 -7.80
N ASP A 88 0.78 -11.16 -7.71
CA ASP A 88 2.10 -10.51 -7.71
C ASP A 88 2.94 -10.96 -6.52
N GLN A 89 2.34 -11.04 -5.33
CA GLN A 89 3.12 -11.44 -4.15
C GLN A 89 3.52 -12.91 -4.21
N VAL A 90 2.66 -13.76 -4.79
CA VAL A 90 3.02 -15.16 -4.96
C VAL A 90 4.29 -15.28 -5.80
N LEU A 91 4.37 -14.50 -6.89
CA LEU A 91 5.55 -14.53 -7.74
C LEU A 91 6.79 -14.01 -7.02
N GLN A 92 6.67 -12.91 -6.28
CA GLN A 92 7.82 -12.42 -5.52
C GLN A 92 8.29 -13.46 -4.51
N LEU A 93 7.37 -14.10 -3.79
CA LEU A 93 7.75 -15.16 -2.87
C LEU A 93 8.45 -16.31 -3.59
N LYS A 94 7.89 -16.74 -4.72
CA LYS A 94 8.52 -17.81 -5.49
C LYS A 94 9.95 -17.44 -5.88
N MET A 95 10.15 -16.18 -6.30
CA MET A 95 11.49 -15.74 -6.67
C MET A 95 12.45 -15.76 -5.49
N SER A 96 11.95 -15.78 -4.27
CA SER A 96 12.79 -15.91 -3.09
C SER A 96 12.82 -17.33 -2.55
N ASN A 97 12.37 -18.30 -3.36
CA ASN A 97 12.35 -19.72 -2.99
C ASN A 97 11.42 -20.00 -1.80
N ILE A 98 10.35 -19.24 -1.69
CA ILE A 98 9.30 -19.46 -0.70
C ILE A 98 8.08 -19.99 -1.44
N PRO A 99 7.56 -21.18 -1.13
CA PRO A 99 6.39 -21.70 -1.84
C PRO A 99 5.11 -21.03 -1.36
N ALA A 100 4.34 -20.50 -2.31
CA ALA A 100 3.09 -19.81 -2.01
C ALA A 100 2.14 -20.04 -3.16
N CYS A 101 0.85 -19.87 -2.90
CA CYS A 101 -0.14 -20.04 -3.96
C CYS A 101 -1.36 -19.19 -3.66
N PHE A 102 -2.10 -18.90 -4.72
CA PHE A 102 -3.45 -18.37 -4.57
C PHE A 102 -4.43 -19.53 -4.64
N LEU A 103 -5.31 -19.62 -3.65
CA LEU A 103 -6.31 -20.69 -3.59
C LEU A 103 -7.69 -20.10 -3.85
N GLY A 104 -8.36 -20.61 -4.87
CA GLY A 104 -9.70 -20.18 -5.23
C GLY A 104 -10.45 -21.30 -5.90
N SER A 105 -11.71 -21.02 -6.26
CA SER A 105 -12.54 -22.06 -6.84
C SER A 105 -12.11 -22.44 -8.25
N ALA A 106 -11.28 -21.63 -8.90
CA ALA A 106 -10.75 -21.95 -10.21
C ALA A 106 -9.39 -22.67 -10.15
N GLN A 107 -8.87 -22.92 -8.95
CA GLN A 107 -7.58 -23.56 -8.81
C GLN A 107 -7.69 -25.07 -9.07
N SER A 108 -6.56 -25.65 -9.47
CA SER A 108 -6.52 -27.07 -9.77
C SER A 108 -6.55 -27.90 -8.49
N GLU A 109 -7.10 -29.12 -8.60
CA GLU A 109 -7.14 -30.03 -7.48
C GLU A 109 -5.74 -30.36 -6.96
N ASN A 110 -4.74 -30.36 -7.85
CA ASN A 110 -3.39 -30.72 -7.45
C ASN A 110 -2.79 -29.67 -6.53
N VAL A 111 -3.10 -28.39 -6.74
CA VAL A 111 -2.65 -27.36 -5.81
C VAL A 111 -3.31 -27.58 -4.45
N LEU A 112 -4.63 -27.81 -4.44
CA LEU A 112 -5.31 -28.08 -3.18
C LEU A 112 -4.73 -29.33 -2.50
N THR A 113 -4.41 -30.36 -3.28
CA THR A 113 -3.77 -31.55 -2.72
C THR A 113 -2.46 -31.21 -2.03
N ASP A 114 -1.65 -30.36 -2.66
CA ASP A 114 -0.36 -30.01 -2.06
C ASP A 114 -0.52 -29.11 -0.84
N ILE A 115 -1.51 -28.20 -0.84
CA ILE A 115 -1.77 -27.38 0.34
C ILE A 115 -2.08 -28.26 1.54
N LYS A 116 -2.90 -29.30 1.33
CA LYS A 116 -3.27 -30.22 2.41
C LYS A 116 -2.09 -31.02 2.93
N LEU A 117 -0.98 -31.05 2.18
CA LEU A 117 0.21 -31.78 2.58
C LEU A 117 1.31 -30.85 3.09
N GLY A 118 1.04 -29.56 3.20
CA GLY A 118 2.01 -28.64 3.76
C GLY A 118 3.02 -28.09 2.80
N LYS A 119 2.81 -28.23 1.49
CA LYS A 119 3.83 -27.78 0.55
C LYS A 119 3.89 -26.27 0.43
N TYR A 120 2.84 -25.55 0.81
CA TYR A 120 2.77 -24.10 0.65
C TYR A 120 2.83 -23.39 1.98
N ARG A 121 3.75 -22.41 2.11
CA ARG A 121 3.90 -21.66 3.35
C ARG A 121 2.87 -20.55 3.46
N ILE A 122 2.53 -19.90 2.33
CA ILE A 122 1.63 -18.76 2.31
C ILE A 122 0.50 -19.10 1.36
N VAL A 123 -0.74 -19.04 1.83
CA VAL A 123 -1.91 -19.35 1.03
C VAL A 123 -2.79 -18.11 0.97
N TYR A 124 -3.00 -17.59 -0.23
CA TYR A 124 -3.79 -16.39 -0.44
C TYR A 124 -5.20 -16.76 -0.89
N VAL A 125 -6.20 -16.15 -0.25
CA VAL A 125 -7.60 -16.40 -0.59
C VAL A 125 -8.38 -15.09 -0.54
N THR A 126 -9.55 -15.08 -1.20
CA THR A 126 -10.47 -13.96 -1.03
C THR A 126 -11.34 -14.16 0.20
N PRO A 127 -11.93 -13.08 0.74
CA PRO A 127 -12.86 -13.28 1.86
C PRO A 127 -14.04 -14.16 1.49
N GLU A 128 -14.56 -14.05 0.27
CA GLU A 128 -15.67 -14.89 -0.18
C GLU A 128 -15.30 -16.36 -0.14
N TYR A 129 -14.18 -16.73 -0.77
CA TYR A 129 -13.75 -18.13 -0.75
C TYR A 129 -13.52 -18.58 0.69
N CYS A 130 -12.89 -17.74 1.50
CA CYS A 130 -12.56 -18.13 2.86
C CYS A 130 -13.83 -18.42 3.66
N SER A 131 -14.88 -17.60 3.49
CA SER A 131 -16.08 -17.75 4.29
C SER A 131 -16.84 -19.02 3.96
N GLY A 132 -16.74 -19.51 2.72
CA GLY A 132 -17.43 -20.74 2.37
C GLY A 132 -16.58 -22.00 2.40
N ASN A 133 -15.45 -21.96 3.10
CA ASN A 133 -14.53 -23.10 3.14
C ASN A 133 -13.89 -23.23 4.52
N MET A 134 -14.64 -22.89 5.57
CA MET A 134 -14.14 -23.03 6.93
C MET A 134 -13.80 -24.48 7.26
N GLY A 135 -14.50 -25.43 6.64
CA GLY A 135 -14.16 -26.83 6.85
C GLY A 135 -12.77 -27.17 6.38
N LEU A 136 -12.39 -26.69 5.19
CA LEU A 136 -11.03 -26.88 4.72
C LEU A 136 -10.02 -26.28 5.68
N LEU A 137 -10.29 -25.05 6.17
CA LEU A 137 -9.33 -24.40 7.05
C LEU A 137 -9.14 -25.17 8.34
N GLN A 138 -10.22 -25.77 8.86
CA GLN A 138 -10.09 -26.61 10.04
C GLN A 138 -9.25 -27.86 9.75
N GLN A 139 -9.33 -28.40 8.54
CA GLN A 139 -8.50 -29.57 8.22
C GLN A 139 -7.03 -29.16 8.15
N LEU A 140 -6.74 -28.03 7.51
CA LEU A 140 -5.39 -27.51 7.47
C LEU A 140 -4.85 -27.25 8.87
N GLU A 141 -5.69 -26.69 9.75
CA GLU A 141 -5.24 -26.45 11.12
C GLU A 141 -4.89 -27.77 11.81
N ALA A 142 -5.70 -28.80 11.64
CA ALA A 142 -5.45 -30.07 12.32
C ALA A 142 -4.30 -30.84 11.69
N ASP A 143 -4.16 -30.82 10.36
CA ASP A 143 -3.17 -31.67 9.71
C ASP A 143 -1.80 -31.01 9.61
N ILE A 144 -1.77 -29.69 9.45
CA ILE A 144 -0.54 -28.95 9.20
C ILE A 144 -0.32 -27.89 10.29
N GLY A 145 -1.35 -27.11 10.59
CA GLY A 145 -1.24 -26.02 11.52
C GLY A 145 -1.20 -24.69 10.78
N ILE A 146 -2.05 -23.74 11.19
CA ILE A 146 -2.07 -22.40 10.61
C ILE A 146 -1.43 -21.46 11.61
N THR A 147 -0.27 -20.90 11.23
CA THR A 147 0.49 -20.02 12.11
C THR A 147 -0.28 -18.73 12.40
N LEU A 148 -0.94 -18.18 11.40
CA LEU A 148 -1.66 -16.93 11.53
C LEU A 148 -2.61 -16.79 10.35
N ILE A 149 -3.56 -15.88 10.51
CA ILE A 149 -4.42 -15.40 9.43
C ILE A 149 -4.18 -13.91 9.33
N ALA A 150 -3.93 -13.42 8.12
CA ALA A 150 -3.71 -11.99 7.90
C ALA A 150 -4.87 -11.43 7.10
N VAL A 151 -5.36 -10.27 7.53
CA VAL A 151 -6.41 -9.55 6.81
C VAL A 151 -5.85 -8.16 6.57
N ASP A 152 -5.38 -7.88 5.37
CA ASP A 152 -5.19 -6.49 5.01
C ASP A 152 -6.45 -6.03 4.33
N GLU A 153 -6.52 -4.73 4.06
CA GLU A 153 -7.77 -4.09 3.69
C GLU A 153 -8.85 -4.35 4.74
N ALA A 154 -8.44 -4.62 5.99
CA ALA A 154 -9.43 -4.93 7.02
C ALA A 154 -10.32 -3.75 7.32
N HIS A 155 -9.91 -2.55 6.89
CA HIS A 155 -10.81 -1.41 6.95
C HIS A 155 -12.10 -1.66 6.16
N CYS A 156 -12.04 -2.50 5.11
CA CYS A 156 -13.24 -2.83 4.35
C CYS A 156 -14.33 -3.43 5.23
N ILE A 157 -13.98 -3.96 6.40
CA ILE A 157 -14.98 -4.54 7.28
C ILE A 157 -15.84 -3.50 7.98
N SER A 158 -15.38 -2.24 8.04
CA SER A 158 -16.14 -1.18 8.69
C SER A 158 -17.18 -0.60 7.74
N ASP A 163 -13.67 1.46 1.73
CA ASP A 163 -14.73 0.85 0.93
C ASP A 163 -15.28 -0.36 1.66
N PHE A 164 -16.50 -0.24 2.18
CA PHE A 164 -17.10 -1.33 2.93
C PHE A 164 -17.39 -2.52 2.01
N ARG A 165 -17.17 -3.72 2.54
CA ARG A 165 -17.40 -4.96 1.81
C ARG A 165 -18.10 -5.96 2.73
N ASP A 166 -19.32 -6.38 2.33
CA ASP A 166 -20.03 -7.40 3.08
C ASP A 166 -19.29 -8.73 3.13
N SER A 167 -18.38 -8.97 2.17
CA SER A 167 -17.56 -10.18 2.17
C SER A 167 -16.72 -10.28 3.43
N PHE A 168 -16.31 -9.15 4.00
CA PHE A 168 -15.44 -9.15 5.18
C PHE A 168 -16.20 -9.50 6.46
N ARG A 169 -17.46 -9.08 6.57
CA ARG A 169 -18.25 -9.46 7.74
C ARG A 169 -18.37 -10.96 7.89
N LYS A 170 -18.21 -11.70 6.79
CA LYS A 170 -18.22 -13.15 6.85
C LYS A 170 -17.05 -13.71 7.65
N LEU A 171 -15.97 -12.93 7.78
CA LEU A 171 -14.81 -13.35 8.54
C LEU A 171 -15.07 -13.40 10.04
N GLY A 172 -16.25 -13.00 10.49
CA GLY A 172 -16.58 -13.12 11.91
C GLY A 172 -16.59 -14.55 12.41
N SER A 173 -16.74 -15.52 11.51
CA SER A 173 -16.74 -16.93 11.90
C SER A 173 -15.34 -17.50 12.08
N LEU A 174 -14.27 -16.76 11.74
CA LEU A 174 -12.92 -17.32 11.83
C LEU A 174 -12.59 -17.73 13.25
N LYS A 175 -12.84 -16.85 14.21
CA LYS A 175 -12.48 -17.14 15.59
C LYS A 175 -13.31 -18.25 16.19
N THR A 176 -14.51 -18.50 15.65
CA THR A 176 -15.27 -19.68 16.08
C THR A 176 -14.66 -20.95 15.52
N ALA A 177 -14.41 -20.98 14.21
CA ALA A 177 -13.89 -22.18 13.57
C ALA A 177 -12.45 -22.46 13.99
N LEU A 178 -11.67 -21.41 14.20
CA LEU A 178 -10.23 -21.53 14.43
C LEU A 178 -9.85 -20.71 15.66
N PRO A 179 -10.32 -21.10 16.85
CA PRO A 179 -10.11 -20.26 18.04
C PRO A 179 -8.65 -20.16 18.44
N MET A 180 -7.81 -21.09 18.01
CA MET A 180 -6.40 -21.07 18.37
C MET A 180 -5.53 -20.26 17.42
N VAL A 181 -6.05 -19.77 16.31
CA VAL A 181 -5.23 -19.14 15.28
C VAL A 181 -5.24 -17.63 15.48
N PRO A 182 -4.10 -17.00 15.74
CA PRO A 182 -4.08 -15.53 15.84
C PRO A 182 -4.35 -14.89 14.49
N ILE A 183 -4.98 -13.71 14.54
CA ILE A 183 -5.30 -12.93 13.35
C ILE A 183 -4.50 -11.63 13.41
N VAL A 184 -3.82 -11.30 12.30
CA VAL A 184 -3.17 -10.01 12.12
C VAL A 184 -4.03 -9.18 11.18
N ALA A 185 -4.60 -8.09 11.68
CA ALA A 185 -5.36 -7.15 10.87
C ALA A 185 -4.50 -5.95 10.54
N LEU A 186 -4.43 -5.61 9.25
CA LEU A 186 -3.65 -4.47 8.78
C LEU A 186 -4.60 -3.39 8.30
N THR A 187 -4.33 -2.14 8.70
CA THR A 187 -5.15 -1.01 8.26
C THR A 187 -4.26 0.22 8.06
N ALA A 188 -4.82 1.21 7.36
CA ALA A 188 -4.05 2.35 6.85
C ALA A 188 -3.86 3.48 7.86
N THR A 189 -4.83 3.74 8.74
CA THR A 189 -4.73 4.87 9.66
C THR A 189 -4.87 4.42 11.09
N ALA A 190 -4.49 5.32 12.00
CA ALA A 190 -4.63 5.05 13.42
C ALA A 190 -6.03 5.38 13.97
N SER A 191 -7.04 5.50 13.09
CA SER A 191 -8.40 5.85 13.52
C SER A 191 -8.94 4.84 14.53
N SER A 192 -9.42 5.36 15.68
CA SER A 192 -9.99 4.45 16.67
C SER A 192 -11.32 3.89 16.20
N SER A 193 -12.09 4.62 15.40
CA SER A 193 -13.39 4.10 14.99
C SER A 193 -13.23 2.93 14.03
N ILE A 194 -12.26 3.01 13.12
CA ILE A 194 -11.97 1.87 12.25
C ILE A 194 -11.41 0.70 13.06
N ARG A 195 -10.49 0.98 13.98
CA ARG A 195 -9.96 -0.09 14.83
C ARG A 195 -11.07 -0.79 15.60
N GLU A 196 -12.02 -0.04 16.17
CA GLU A 196 -13.10 -0.66 16.94
C GLU A 196 -13.96 -1.56 16.06
N ASP A 197 -14.20 -1.14 14.82
CA ASP A 197 -14.96 -1.99 13.90
C ASP A 197 -14.18 -3.24 13.53
N ILE A 198 -12.87 -3.11 13.36
CA ILE A 198 -12.04 -4.28 13.02
C ILE A 198 -12.06 -5.28 14.17
N VAL A 199 -11.88 -4.81 15.41
CA VAL A 199 -11.90 -5.72 16.56
C VAL A 199 -13.25 -6.40 16.67
N ARG A 200 -14.32 -5.63 16.48
CA ARG A 200 -15.67 -6.16 16.62
C ARG A 200 -15.96 -7.21 15.57
N CYS A 201 -15.72 -6.87 14.29
CA CYS A 201 -16.08 -7.73 13.17
C CYS A 201 -15.23 -8.99 13.12
N LEU A 202 -13.95 -8.89 13.49
CA LEU A 202 -13.08 -10.06 13.45
C LEU A 202 -13.05 -10.80 14.78
N ASN A 203 -13.73 -10.28 15.81
CA ASN A 203 -13.77 -10.92 17.13
C ASN A 203 -12.38 -11.10 17.72
N LEU A 204 -11.53 -10.08 17.57
CA LEU A 204 -10.20 -10.14 18.14
C LEU A 204 -10.26 -10.12 19.67
N ARG A 205 -9.32 -10.81 20.29
CA ARG A 205 -9.26 -10.92 21.75
C ARG A 205 -8.00 -10.23 22.25
N ASN A 206 -8.17 -9.15 22.99
CA ASN A 206 -7.08 -8.43 23.63
C ASN A 206 -5.92 -8.17 22.65
N PRO A 207 -6.21 -7.60 21.48
CA PRO A 207 -5.19 -7.55 20.43
C PRO A 207 -4.07 -6.59 20.79
N GLN A 208 -2.87 -6.92 20.32
CA GLN A 208 -1.79 -5.95 20.36
C GLN A 208 -2.02 -4.89 19.29
N ILE A 209 -1.92 -3.62 19.67
CA ILE A 209 -2.13 -2.51 18.74
C ILE A 209 -0.80 -1.80 18.52
N THR A 210 -0.39 -1.66 17.26
CA THR A 210 0.87 -0.99 16.93
C THR A 210 0.64 0.03 15.82
N CYS A 211 1.49 1.06 15.81
CA CYS A 211 1.48 2.09 14.79
C CYS A 211 2.90 2.61 14.63
N THR A 212 3.41 2.60 13.39
CA THR A 212 4.76 3.08 13.12
C THR A 212 4.87 4.60 13.12
N GLY A 213 3.76 5.31 13.02
CA GLY A 213 3.78 6.68 12.55
C GLY A 213 3.82 6.68 11.03
N PHE A 214 3.67 7.87 10.45
CA PHE A 214 3.34 7.94 9.03
C PHE A 214 4.31 8.75 8.19
N ASP A 215 5.26 9.46 8.77
CA ASP A 215 6.06 10.38 7.99
C ASP A 215 7.03 9.65 7.08
N ARG A 216 7.16 10.15 5.86
CA ARG A 216 8.19 9.73 4.92
C ARG A 216 9.08 10.95 4.71
N PRO A 217 10.15 11.11 5.50
CA PRO A 217 10.86 12.41 5.49
C PRO A 217 11.60 12.69 4.20
N ASN A 218 11.84 11.68 3.35
CA ASN A 218 12.54 11.88 2.10
C ASN A 218 11.59 12.18 0.94
N LEU A 219 10.31 12.37 1.21
CA LEU A 219 9.34 12.78 0.18
C LEU A 219 8.98 14.24 0.37
N TYR A 220 9.47 15.09 -0.52
CA TYR A 220 9.14 16.51 -0.55
C TYR A 220 7.79 16.73 -1.24
N LEU A 221 6.92 17.57 -0.67
CA LEU A 221 5.54 17.75 -1.12
C LEU A 221 5.34 19.10 -1.80
N GLU A 222 4.66 19.12 -2.95
CA GLU A 222 4.42 20.36 -3.66
C GLU A 222 3.09 20.30 -4.40
N VAL A 223 2.40 21.45 -4.48
CA VAL A 223 1.14 21.58 -5.20
C VAL A 223 1.25 22.78 -6.12
N ARG A 224 0.87 22.62 -7.39
CA ARG A 224 0.91 23.75 -8.31
C ARG A 224 -0.27 23.67 -9.26
N ARG A 225 -0.58 24.81 -9.87
CA ARG A 225 -1.72 24.90 -10.78
C ARG A 225 -1.33 24.48 -12.19
N LYS A 226 -2.22 23.75 -12.83
CA LYS A 226 -2.10 23.46 -14.26
C LYS A 226 -2.06 24.77 -15.06
N THR A 227 -1.33 24.75 -16.16
CA THR A 227 -1.10 25.96 -16.96
C THR A 227 -1.97 26.03 -18.21
N GLY A 228 -2.73 24.98 -18.52
CA GLY A 228 -3.56 24.97 -19.71
C GLY A 228 -3.08 24.04 -20.79
N ASN A 229 -1.89 23.46 -20.63
CA ASN A 229 -1.33 22.63 -21.67
C ASN A 229 -0.44 21.58 -21.02
N ILE A 230 -0.54 20.33 -21.49
CA ILE A 230 0.09 19.22 -20.77
C ILE A 230 1.61 19.36 -20.78
N LEU A 231 2.19 19.61 -21.95
CA LEU A 231 3.64 19.69 -22.05
C LEU A 231 4.19 20.84 -21.22
N GLN A 232 3.47 21.95 -21.18
CA GLN A 232 3.91 23.06 -20.34
C GLN A 232 3.90 22.66 -18.87
N ASP A 233 2.91 21.85 -18.48
CA ASP A 233 2.79 21.40 -17.09
C ASP A 233 3.94 20.48 -16.71
N LEU A 234 4.39 19.64 -17.64
CA LEU A 234 5.35 18.59 -17.32
C LEU A 234 6.79 18.98 -17.62
N GLN A 235 7.00 20.00 -18.45
CA GLN A 235 8.35 20.46 -18.77
C GLN A 235 9.26 20.65 -17.56
N PRO A 236 8.82 21.23 -16.43
CA PRO A 236 9.74 21.38 -15.29
C PRO A 236 10.31 20.08 -14.77
N PHE A 237 9.70 18.93 -15.08
CA PHE A 237 10.18 17.66 -14.58
C PHE A 237 11.10 16.96 -15.57
N LEU A 238 11.38 17.60 -16.69
CA LEU A 238 12.21 17.04 -17.74
C LEU A 238 13.55 17.76 -17.78
N VAL A 239 14.57 17.07 -18.25
CA VAL A 239 15.85 17.70 -18.57
C VAL A 239 16.14 17.40 -20.03
N LYS A 240 16.72 18.37 -20.72
CA LYS A 240 16.99 18.25 -22.15
C LYS A 240 18.49 18.12 -22.36
N THR A 241 18.99 16.89 -22.48
CA THR A 241 20.35 16.70 -22.94
C THR A 241 20.46 17.17 -24.39
N SER A 242 21.71 17.36 -24.83
CA SER A 242 21.92 17.78 -26.21
C SER A 242 21.33 16.78 -27.19
N SER A 243 21.31 15.51 -26.83
CA SER A 243 20.75 14.48 -27.71
C SER A 243 19.23 14.42 -27.62
N HIS A 244 18.67 14.45 -26.41
CA HIS A 244 17.27 14.07 -26.25
C HIS A 244 16.70 14.67 -24.96
N TRP A 245 15.39 14.49 -24.80
CA TRP A 245 14.70 14.81 -23.54
C TRP A 245 14.70 13.59 -22.63
N GLU A 246 14.66 13.82 -21.32
CA GLU A 246 14.48 12.73 -20.37
C GLU A 246 13.90 13.26 -19.07
N PHE A 247 13.24 12.37 -18.33
CA PHE A 247 12.84 12.71 -16.98
C PHE A 247 14.07 12.84 -16.10
N GLU A 248 13.97 13.71 -15.09
CA GLU A 248 15.07 13.86 -14.14
C GLU A 248 15.43 12.54 -13.48
N GLY A 249 14.44 11.70 -13.21
CA GLY A 249 14.67 10.38 -12.67
C GLY A 249 13.42 9.56 -12.89
N PRO A 250 13.43 8.31 -12.46
CA PRO A 250 12.25 7.45 -12.62
C PRO A 250 11.01 8.07 -11.97
N THR A 251 9.91 8.04 -12.70
CA THR A 251 8.75 8.87 -12.41
C THR A 251 7.48 8.05 -12.57
N ILE A 252 6.52 8.24 -11.66
CA ILE A 252 5.15 7.78 -11.85
C ILE A 252 4.27 9.00 -12.06
N ILE A 253 3.42 8.96 -13.07
CA ILE A 253 2.41 10.00 -13.25
C ILE A 253 1.06 9.35 -12.99
N TYR A 254 0.37 9.75 -11.93
CA TYR A 254 -0.96 9.23 -11.64
C TYR A 254 -2.01 10.05 -12.36
N CYS A 255 -2.90 9.36 -13.09
CA CYS A 255 -3.97 10.04 -13.81
C CYS A 255 -5.33 9.57 -13.28
N PRO A 256 -6.38 10.39 -13.43
CA PRO A 256 -7.68 10.00 -12.88
C PRO A 256 -8.48 9.07 -13.77
N SER A 257 -8.04 8.82 -15.00
CA SER A 257 -8.84 8.03 -15.94
C SER A 257 -7.92 7.49 -17.02
N ARG A 258 -8.38 6.44 -17.71
CA ARG A 258 -7.66 5.94 -18.87
C ARG A 258 -7.58 6.99 -19.97
N LYS A 259 -8.62 7.81 -20.11
CA LYS A 259 -8.60 8.86 -21.12
C LYS A 259 -7.47 9.86 -20.85
N MET A 260 -7.35 10.33 -19.60
CA MET A 260 -6.26 11.25 -19.28
C MET A 260 -4.90 10.57 -19.44
N THR A 261 -4.82 9.29 -19.09
CA THR A 261 -3.57 8.55 -19.33
C THR A 261 -3.17 8.58 -20.80
N GLN A 262 -4.14 8.34 -21.70
CA GLN A 262 -3.83 8.38 -23.13
C GLN A 262 -3.38 9.77 -23.56
N GLN A 263 -4.00 10.81 -22.99
CA GLN A 263 -3.61 12.19 -23.35
C GLN A 263 -2.20 12.49 -22.88
N VAL A 264 -1.91 12.19 -21.62
CA VAL A 264 -0.58 12.43 -21.07
C VAL A 264 0.46 11.63 -21.84
N THR A 265 0.17 10.36 -22.09
CA THR A 265 1.16 9.52 -22.76
C THR A 265 1.43 10.00 -24.17
N GLY A 266 0.39 10.43 -24.90
CA GLY A 266 0.58 10.97 -26.23
C GLY A 266 1.49 12.18 -26.26
N GLU A 267 1.40 13.04 -25.24
CA GLU A 267 2.24 14.23 -25.21
C GLU A 267 3.68 13.87 -24.91
N LEU A 268 3.89 12.96 -23.94
CA LEU A 268 5.24 12.51 -23.60
C LEU A 268 5.94 11.89 -24.81
N ARG A 269 5.19 11.16 -25.63
CA ARG A 269 5.80 10.51 -26.78
C ARG A 269 6.17 11.50 -27.88
N LYS A 270 5.63 12.72 -27.85
CA LYS A 270 6.14 13.76 -28.75
C LYS A 270 7.61 14.05 -28.49
N LEU A 271 8.07 13.81 -27.26
CA LEU A 271 9.46 14.05 -26.91
C LEU A 271 10.27 12.77 -26.94
N ASN A 272 9.66 11.69 -27.43
CA ASN A 272 10.27 10.35 -27.53
C ASN A 272 10.69 9.84 -26.15
N LEU A 273 9.89 10.14 -25.13
CA LEU A 273 10.18 9.65 -23.79
C LEU A 273 9.73 8.20 -23.64
N SER A 274 10.54 7.39 -22.98
CA SER A 274 10.18 5.98 -22.81
C SER A 274 9.21 5.85 -21.64
N CYS A 275 7.99 5.43 -21.92
CA CYS A 275 7.06 5.23 -20.82
C CYS A 275 6.18 4.01 -21.08
N GLY A 276 5.44 3.65 -20.04
CA GLY A 276 4.43 2.62 -20.15
C GLY A 276 3.23 3.03 -19.32
N THR A 277 2.10 2.42 -19.62
CA THR A 277 0.88 2.70 -18.87
C THR A 277 0.59 1.55 -17.91
N TYR A 278 -0.28 1.83 -16.94
CA TYR A 278 -0.54 0.85 -15.88
C TYR A 278 -1.96 1.03 -15.39
N HIS A 279 -2.81 0.02 -15.60
CA HIS A 279 -4.23 0.13 -15.32
C HIS A 279 -4.71 -1.15 -14.66
N ALA A 280 -5.84 -1.04 -13.96
CA ALA A 280 -6.52 -2.23 -13.47
C ALA A 280 -6.91 -3.10 -14.65
N GLY A 281 -6.95 -4.40 -14.41
CA GLY A 281 -7.40 -5.34 -15.42
C GLY A 281 -6.31 -5.85 -16.33
N MET A 282 -5.08 -5.37 -16.19
CA MET A 282 -3.98 -5.88 -16.99
C MET A 282 -3.59 -7.29 -16.56
N SER A 283 -3.16 -8.08 -17.52
CA SER A 283 -2.84 -9.48 -17.28
C SER A 283 -1.57 -9.60 -16.43
N PHE A 284 -1.44 -10.78 -15.81
CA PHE A 284 -0.23 -11.12 -15.06
C PHE A 284 1.02 -10.92 -15.90
N SER A 285 1.01 -11.41 -17.14
CA SER A 285 2.16 -11.24 -18.03
C SER A 285 2.44 -9.76 -18.29
N THR A 286 1.39 -8.97 -18.53
CA THR A 286 1.59 -7.56 -18.80
C THR A 286 2.19 -6.85 -17.58
N ARG A 287 1.67 -7.15 -16.39
CA ARG A 287 2.22 -6.54 -15.17
C ARG A 287 3.67 -6.92 -14.99
N LYS A 288 4.02 -8.17 -15.32
CA LYS A 288 5.41 -8.61 -15.22
C LYS A 288 6.31 -7.87 -16.20
N ASP A 289 5.79 -7.58 -17.41
CA ASP A 289 6.57 -6.85 -18.41
C ASP A 289 6.86 -5.43 -17.95
N ILE A 290 5.86 -4.77 -17.39
CA ILE A 290 6.05 -3.40 -16.90
C ILE A 290 7.02 -3.38 -15.73
N HIS A 291 6.87 -4.33 -14.81
CA HIS A 291 7.78 -4.42 -13.68
C HIS A 291 9.21 -4.55 -14.17
N HIS A 292 9.43 -5.44 -15.13
CA HIS A 292 10.77 -5.65 -15.64
C HIS A 292 11.33 -4.37 -16.26
N ARG A 293 10.58 -3.76 -17.18
CA ARG A 293 11.10 -2.57 -17.86
C ARG A 293 11.31 -1.41 -16.90
N PHE A 294 10.39 -1.18 -15.96
CA PHE A 294 10.56 -0.05 -15.03
C PHE A 294 11.74 -0.28 -14.09
N VAL A 295 11.82 -1.47 -13.48
CA VAL A 295 12.91 -1.76 -12.54
C VAL A 295 14.27 -1.60 -13.23
N ARG A 296 14.39 -2.08 -14.47
CA ARG A 296 15.65 -2.00 -15.21
C ARG A 296 15.85 -0.68 -15.93
N ASP A 297 14.96 0.29 -15.73
CA ASP A 297 15.04 1.61 -16.37
C ASP A 297 15.02 1.51 -17.89
N GLU A 298 14.39 0.46 -18.42
CA GLU A 298 14.12 0.41 -19.85
C GLU A 298 12.96 1.34 -20.23
N ILE A 299 12.11 1.70 -19.26
CA ILE A 299 11.22 2.84 -19.37
C ILE A 299 11.52 3.79 -18.21
N GLN A 300 11.29 5.07 -18.44
CA GLN A 300 11.58 6.07 -17.44
C GLN A 300 10.34 6.49 -16.66
N CYS A 301 9.15 6.29 -17.20
CA CYS A 301 7.94 6.81 -16.58
C CYS A 301 6.84 5.77 -16.70
N VAL A 302 6.07 5.58 -15.64
CA VAL A 302 4.84 4.81 -15.72
C VAL A 302 3.68 5.76 -15.47
N ILE A 303 2.72 5.81 -16.40
CA ILE A 303 1.50 6.60 -16.24
C ILE A 303 0.42 5.66 -15.77
N ALA A 304 -0.10 5.86 -14.54
CA ALA A 304 -0.85 4.84 -13.85
C ALA A 304 -2.22 5.34 -13.40
N THR A 305 -3.22 4.47 -13.47
CA THR A 305 -4.51 4.74 -12.86
C THR A 305 -4.75 3.87 -11.63
N ILE A 306 -3.79 3.05 -11.22
CA ILE A 306 -3.88 2.24 -10.02
C ILE A 306 -2.58 2.40 -9.25
N ALA A 307 -2.66 2.18 -7.94
CA ALA A 307 -1.56 2.52 -7.04
C ALA A 307 -0.95 1.32 -6.33
N PHE A 308 -1.12 0.11 -6.86
CA PHE A 308 -0.53 -1.08 -6.27
C PHE A 308 -0.15 -2.05 -7.37
N GLY A 309 0.65 -3.05 -7.01
CA GLY A 309 1.01 -4.10 -7.95
C GLY A 309 2.47 -3.97 -8.39
N MET A 310 2.97 -5.06 -8.96
CA MET A 310 4.40 -5.13 -9.28
C MET A 310 4.81 -4.17 -10.38
N GLY A 311 3.87 -3.70 -11.21
CA GLY A 311 4.22 -2.76 -12.26
C GLY A 311 4.91 -1.50 -11.75
N ILE A 312 4.55 -1.04 -10.55
CA ILE A 312 5.12 0.19 -10.03
C ILE A 312 5.93 -0.06 -8.76
N ASN A 313 6.32 -1.31 -8.52
CA ASN A 313 7.13 -1.70 -7.37
C ASN A 313 8.58 -1.51 -7.77
N LYS A 314 9.20 -0.43 -7.30
CA LYS A 314 10.55 -0.09 -7.71
C LYS A 314 11.21 0.74 -6.63
N ALA A 315 12.50 0.47 -6.37
CA ALA A 315 13.15 1.09 -5.21
C ALA A 315 13.47 2.56 -5.40
N ASP A 316 13.79 2.99 -6.62
CA ASP A 316 14.34 4.33 -6.80
C ASP A 316 13.44 5.24 -7.63
N ILE A 317 12.17 5.32 -7.26
CA ILE A 317 11.27 6.29 -7.89
C ILE A 317 11.56 7.66 -7.29
N ARG A 318 12.04 8.58 -8.12
CA ARG A 318 12.47 9.91 -7.69
C ARG A 318 11.36 10.94 -7.74
N GLN A 319 10.35 10.73 -8.59
CA GLN A 319 9.33 11.75 -8.82
C GLN A 319 7.97 11.08 -8.91
N VAL A 320 7.00 11.60 -8.15
CA VAL A 320 5.60 11.26 -8.34
C VAL A 320 4.87 12.54 -8.77
N ILE A 321 4.06 12.43 -9.82
CA ILE A 321 3.25 13.55 -10.31
C ILE A 321 1.80 13.09 -10.30
N HIS A 322 0.95 13.81 -9.56
CA HIS A 322 -0.48 13.61 -9.64
C HIS A 322 -1.01 14.60 -10.69
N TYR A 323 -1.48 14.08 -11.82
CA TYR A 323 -1.93 14.95 -12.91
C TYR A 323 -3.43 15.11 -12.78
N GLY A 324 -3.84 16.13 -12.01
CA GLY A 324 -5.22 16.31 -11.62
C GLY A 324 -5.36 16.22 -10.11
N ALA A 325 -6.34 16.93 -9.56
CA ALA A 325 -6.54 16.97 -8.11
C ALA A 325 -6.91 15.59 -7.57
N PRO A 326 -6.19 15.07 -6.58
CA PRO A 326 -6.61 13.80 -5.96
C PRO A 326 -7.95 13.97 -5.26
N LYS A 327 -8.66 12.86 -5.11
CA LYS A 327 -9.99 12.88 -4.52
C LYS A 327 -9.97 12.67 -3.01
N ASP A 328 -9.00 11.93 -2.46
CA ASP A 328 -8.99 11.80 -1.02
C ASP A 328 -7.58 11.57 -0.52
N MET A 329 -7.35 12.02 0.71
CA MET A 329 -6.00 12.11 1.27
C MET A 329 -5.40 10.75 1.60
N GLU A 330 -6.22 9.73 1.84
CA GLU A 330 -5.67 8.41 2.10
C GLU A 330 -5.19 7.76 0.81
N SER A 331 -5.93 7.91 -0.28
CA SER A 331 -5.44 7.44 -1.57
C SER A 331 -4.17 8.19 -1.96
N TYR A 332 -4.15 9.51 -1.77
CA TYR A 332 -2.98 10.31 -2.09
C TYR A 332 -1.73 9.78 -1.38
N TYR A 333 -1.85 9.54 -0.06
CA TYR A 333 -0.71 9.08 0.74
C TYR A 333 -0.18 7.74 0.26
N GLN A 334 -1.07 6.82 -0.10
CA GLN A 334 -0.62 5.52 -0.59
C GLN A 334 0.00 5.65 -1.96
N GLU A 335 -0.49 6.58 -2.78
CA GLU A 335 0.06 6.77 -4.12
C GLU A 335 1.46 7.38 -4.07
N ILE A 336 1.64 8.45 -3.29
CA ILE A 336 2.98 9.03 -3.22
C ILE A 336 3.93 8.11 -2.48
N GLY A 337 3.42 7.23 -1.62
CA GLY A 337 4.28 6.33 -0.88
C GLY A 337 5.03 5.31 -1.73
N ARG A 338 4.66 5.18 -3.00
CA ARG A 338 5.45 4.31 -3.88
C ARG A 338 6.81 4.90 -4.19
N ALA A 339 6.99 6.20 -3.97
CA ALA A 339 8.25 6.87 -4.25
C ALA A 339 9.23 6.68 -3.10
N GLY A 340 10.51 6.86 -3.43
CA GLY A 340 11.57 6.97 -2.44
C GLY A 340 11.74 5.78 -1.53
N ARG A 341 11.46 4.57 -2.03
CA ARG A 341 11.59 3.39 -1.17
C ARG A 341 13.03 3.10 -0.80
N ASP A 342 13.99 3.68 -1.51
CA ASP A 342 15.39 3.50 -1.18
C ASP A 342 15.88 4.50 -0.12
N GLY A 343 15.00 5.37 0.37
CA GLY A 343 15.37 6.33 1.38
C GLY A 343 16.04 7.58 0.87
N LEU A 344 16.26 7.71 -0.43
CA LEU A 344 16.89 8.91 -0.99
C LEU A 344 15.82 9.93 -1.34
N GLN A 345 16.26 11.18 -1.58
CA GLN A 345 15.35 12.28 -1.80
C GLN A 345 14.46 12.06 -3.02
N SER A 346 13.16 12.19 -2.82
CA SER A 346 12.19 12.17 -3.90
C SER A 346 11.25 13.36 -3.76
N SER A 347 10.51 13.64 -4.84
CA SER A 347 9.56 14.75 -4.86
C SER A 347 8.19 14.25 -5.29
N CYS A 348 7.15 14.86 -4.74
CA CYS A 348 5.75 14.50 -5.04
C CYS A 348 4.98 15.78 -5.33
N HIS A 349 4.54 15.93 -6.57
CA HIS A 349 3.89 17.15 -7.05
C HIS A 349 2.46 16.84 -7.46
N VAL A 350 1.52 17.68 -7.02
CA VAL A 350 0.14 17.67 -7.53
C VAL A 350 0.00 18.82 -8.50
N LEU A 351 -0.54 18.54 -9.68
CA LEU A 351 -0.89 19.56 -10.67
C LEU A 351 -2.40 19.57 -10.77
N TRP A 352 -3.05 20.71 -10.47
CA TRP A 352 -4.49 20.68 -10.37
C TRP A 352 -5.11 21.95 -10.95
N ALA A 353 -6.41 21.86 -11.21
CA ALA A 353 -7.20 22.99 -11.68
C ALA A 353 -8.58 22.92 -11.04
N PRO A 354 -9.24 24.07 -10.85
CA PRO A 354 -10.62 24.04 -10.31
C PRO A 354 -11.55 23.10 -11.05
N ALA A 355 -11.40 23.00 -12.37
CA ALA A 355 -12.19 22.06 -13.16
C ALA A 355 -12.04 20.62 -12.69
N ASP A 356 -10.86 20.25 -12.17
CA ASP A 356 -10.72 18.91 -11.59
C ASP A 356 -11.72 18.69 -10.46
N ILE A 357 -11.85 19.69 -9.59
CA ILE A 357 -12.67 19.57 -8.38
C ILE A 357 -14.12 19.28 -8.74
N ASN A 358 -14.61 19.90 -9.82
CA ASN A 358 -16.02 19.71 -10.19
C ASN A 358 -16.25 18.33 -10.79
N LEU A 359 -15.34 17.87 -11.66
CA LEU A 359 -15.38 16.49 -12.11
C LEU A 359 -15.29 15.53 -10.93
N ASN A 360 -14.40 15.81 -9.98
CA ASN A 360 -14.38 15.07 -8.72
C ASN A 360 -15.74 15.08 -8.04
N ARG A 361 -16.43 16.23 -8.05
CA ARG A 361 -17.71 16.33 -7.37
C ARG A 361 -18.76 15.43 -8.02
N HIS A 362 -18.70 15.27 -9.35
CA HIS A 362 -19.70 14.45 -10.04
C HIS A 362 -19.50 12.97 -9.76
N LEU A 363 -18.24 12.51 -9.72
CA LEU A 363 -17.97 11.10 -9.48
C LEU A 363 -18.47 10.64 -8.12
N LEU A 364 -18.51 11.55 -7.14
CA LEU A 364 -18.99 11.17 -5.81
C LEU A 364 -20.52 11.12 -5.76
N THR A 365 -21.20 11.93 -6.57
CA THR A 365 -22.66 11.83 -6.64
C THR A 365 -23.11 10.47 -7.17
N GLU A 366 -22.23 9.75 -7.87
CA GLU A 366 -22.51 8.41 -8.34
C GLU A 366 -22.35 7.34 -7.27
N ILE A 367 -21.99 7.72 -6.04
CA ILE A 367 -21.95 6.78 -4.93
C ILE A 367 -23.37 6.56 -4.44
N ARG A 368 -23.83 5.31 -4.52
CA ARG A 368 -25.20 5.00 -4.14
C ARG A 368 -25.43 5.18 -2.64
N ASN A 369 -24.68 4.44 -1.82
CA ASN A 369 -24.88 4.47 -0.38
C ASN A 369 -24.62 5.86 0.19
N GLU A 370 -25.60 6.39 0.93
CA GLU A 370 -25.52 7.77 1.38
C GLU A 370 -24.40 7.97 2.39
N LYS A 371 -24.26 7.03 3.33
CA LYS A 371 -23.22 7.16 4.36
C LYS A 371 -21.83 7.16 3.73
N PHE A 372 -21.60 6.24 2.79
CA PHE A 372 -20.31 6.18 2.12
C PHE A 372 -20.08 7.43 1.27
N ARG A 373 -21.14 7.90 0.61
CA ARG A 373 -21.03 9.10 -0.21
C ARG A 373 -20.72 10.34 0.63
N LEU A 374 -21.34 10.43 1.81
CA LEU A 374 -21.05 11.57 2.69
C LEU A 374 -19.61 11.52 3.18
N TYR A 375 -19.12 10.32 3.55
CA TYR A 375 -17.72 10.18 3.94
C TYR A 375 -16.79 10.62 2.82
N LYS A 376 -17.06 10.16 1.59
CA LYS A 376 -16.21 10.52 0.46
C LYS A 376 -16.25 12.03 0.18
N LEU A 377 -17.43 12.64 0.30
CA LEU A 377 -17.54 14.08 0.08
C LEU A 377 -16.72 14.84 1.13
N LYS A 378 -16.69 14.34 2.36
CA LYS A 378 -15.85 14.97 3.39
C LYS A 378 -14.37 14.80 3.05
N MET A 379 -13.99 13.61 2.57
CA MET A 379 -12.60 13.39 2.18
C MET A 379 -12.19 14.32 1.05
N MET A 380 -13.10 14.61 0.13
CA MET A 380 -12.78 15.51 -0.97
C MET A 380 -12.60 16.94 -0.46
N ALA A 381 -13.50 17.39 0.41
CA ALA A 381 -13.35 18.72 1.00
C ALA A 381 -12.03 18.84 1.73
N LYS A 382 -11.65 17.79 2.47
CA LYS A 382 -10.37 17.80 3.15
C LYS A 382 -9.22 17.91 2.15
N MET A 383 -9.31 17.18 1.03
CA MET A 383 -8.27 17.30 -0.01
C MET A 383 -8.26 18.69 -0.64
N GLU A 384 -9.43 19.27 -0.85
CA GLU A 384 -9.46 20.62 -1.42
C GLU A 384 -8.77 21.62 -0.49
N LYS A 385 -8.97 21.46 0.82
CA LYS A 385 -8.28 22.34 1.76
C LYS A 385 -6.78 22.12 1.72
N TYR A 386 -6.33 20.88 1.54
CA TYR A 386 -4.91 20.60 1.38
C TYR A 386 -4.34 21.34 0.16
N LEU A 387 -5.05 21.29 -0.96
CA LEU A 387 -4.53 21.90 -2.18
C LEU A 387 -4.45 23.42 -2.05
N HIS A 388 -5.41 24.03 -1.36
CA HIS A 388 -5.48 25.49 -1.20
C HIS A 388 -4.63 26.03 -0.04
N SER A 389 -4.06 25.18 0.80
CA SER A 389 -3.45 25.66 2.02
C SER A 389 -2.21 26.51 1.75
N SER A 390 -2.01 27.51 2.61
CA SER A 390 -0.75 28.26 2.69
C SER A 390 0.14 27.77 3.84
N ARG A 391 -0.24 26.70 4.52
CA ARG A 391 0.51 26.17 5.65
C ARG A 391 1.16 24.83 5.25
N CYS A 392 1.92 24.27 6.18
CA CYS A 392 2.68 23.06 5.91
C CYS A 392 1.80 21.93 5.40
N ARG A 393 2.15 21.39 4.23
CA ARG A 393 1.41 20.29 3.62
C ARG A 393 1.58 19.01 4.43
N ARG A 394 2.79 18.75 4.92
CA ARG A 394 3.07 17.52 5.63
C ARG A 394 2.29 17.46 6.94
N GLN A 395 2.16 18.61 7.62
CA GLN A 395 1.41 18.66 8.87
C GLN A 395 -0.05 18.29 8.65
N ILE A 396 -0.62 18.67 7.50
CA ILE A 396 -2.02 18.36 7.22
C ILE A 396 -2.20 16.86 7.00
N ILE A 397 -1.33 16.26 6.19
CA ILE A 397 -1.42 14.83 5.89
C ILE A 397 -1.22 14.00 7.15
N LEU A 398 -0.14 14.26 7.89
CA LEU A 398 0.15 13.48 9.10
C LEU A 398 -0.98 13.57 10.12
N SER A 399 -1.60 14.76 10.24
CA SER A 399 -2.70 14.92 11.19
C SER A 399 -3.88 14.03 10.83
N HIS A 400 -4.13 13.84 9.53
CA HIS A 400 -5.23 12.97 9.12
C HIS A 400 -4.95 11.51 9.48
N PHE A 401 -3.72 11.06 9.32
CA PHE A 401 -3.43 9.65 9.57
C PHE A 401 -3.30 9.36 11.06
N GLU A 402 -2.72 10.30 11.81
CA GLU A 402 -2.68 10.17 13.26
C GLU A 402 -4.04 10.36 13.90
N ASP A 403 -5.01 10.88 13.15
CA ASP A 403 -6.35 11.20 13.66
C ASP A 403 -6.29 12.18 14.82
N LYS A 404 -5.40 13.17 14.71
CA LYS A 404 -5.24 14.24 15.70
C LYS A 404 -4.26 15.25 15.12
N GLN A 405 -4.32 16.48 15.64
CA GLN A 405 -3.43 17.54 15.15
C GLN A 405 -1.99 17.21 15.50
N VAL A 406 -1.15 17.06 14.47
CA VAL A 406 0.27 16.84 14.65
C VAL A 406 0.97 18.19 14.80
N GLN A 407 1.81 18.30 15.82
CA GLN A 407 2.56 19.52 16.07
C GLN A 407 3.76 19.61 15.14
N LYS A 408 4.00 20.81 14.62
CA LYS A 408 5.10 21.02 13.68
C LYS A 408 6.46 20.75 14.33
N ALA A 409 6.59 21.05 15.63
CA ALA A 409 7.85 20.82 16.32
C ALA A 409 8.14 19.34 16.53
N SER A 410 7.19 18.45 16.26
CA SER A 410 7.34 17.04 16.58
C SER A 410 8.23 16.29 15.60
N LEU A 411 8.50 16.85 14.43
CA LEU A 411 9.36 16.21 13.44
C LEU A 411 10.36 17.21 12.90
N GLY A 412 11.64 16.78 12.83
CA GLY A 412 12.68 17.67 12.36
C GLY A 412 12.52 18.07 10.91
N ILE A 413 11.85 17.23 10.11
CA ILE A 413 11.69 17.58 8.70
C ILE A 413 10.79 18.79 8.54
N MET A 414 9.72 18.89 9.34
CA MET A 414 8.74 19.94 9.13
C MET A 414 9.36 21.31 9.35
N GLY A 415 8.94 22.28 8.54
CA GLY A 415 9.48 23.62 8.60
C GLY A 415 10.82 23.81 7.95
N THR A 416 11.35 22.80 7.27
CA THR A 416 12.61 22.95 6.53
C THR A 416 12.34 23.05 5.04
N GLU A 417 13.38 23.43 4.30
CA GLU A 417 13.26 23.58 2.85
C GLU A 417 12.97 22.28 2.14
N LYS A 418 13.22 21.14 2.78
CA LYS A 418 12.92 19.84 2.21
C LYS A 418 11.54 19.33 2.58
N CYS A 419 10.79 20.05 3.40
CA CYS A 419 9.50 19.54 3.86
C CYS A 419 8.44 19.61 2.77
N CYS A 420 8.10 20.83 2.38
CA CYS A 420 7.05 21.04 1.40
C CYS A 420 7.24 22.42 0.77
N ASP A 421 6.45 22.68 -0.28
CA ASP A 421 6.56 23.94 -0.98
C ASP A 421 6.24 25.12 -0.06
N ASN A 422 5.24 24.98 0.80
CA ASN A 422 4.87 26.12 1.64
C ASN A 422 5.92 26.41 2.70
N CYS A 423 6.49 25.37 3.31
CA CYS A 423 7.61 25.56 4.23
C CYS A 423 8.79 26.20 3.52
N ARG A 424 9.13 25.68 2.33
CA ARG A 424 10.24 26.24 1.56
C ARG A 424 9.98 27.70 1.19
N SER A 425 8.76 28.01 0.74
CA SER A 425 8.50 29.38 0.32
C SER A 425 8.51 30.35 1.51
N ARG A 426 8.05 29.90 2.68
CA ARG A 426 8.12 30.72 3.88
C ARG A 426 9.57 30.98 4.32
N LEU A 427 10.51 30.12 3.94
CA LEU A 427 11.90 30.33 4.29
C LEU A 427 12.64 31.15 3.25
N ASP A 428 12.28 30.97 1.98
CA ASP A 428 12.99 31.65 0.91
C ASP A 428 12.55 33.09 0.74
N HIS A 429 11.59 33.54 1.54
CA HIS A 429 11.16 34.93 1.58
C HIS A 429 10.59 35.27 2.96
#